data_1QBM
#
_entry.id   1QBM
#
_cell.length_a   44.960
_cell.length_b   85.010
_cell.length_c   63.330
_cell.angle_alpha   90.00
_cell.angle_beta   105.00
_cell.angle_gamma   90.00
#
_symmetry.space_group_name_H-M   'P 1 21 1'
#
loop_
_entity.id
_entity.type
_entity.pdbx_description
1 polymer 'E8B ANTIBODY'
2 polymer 'E8B ANTIBODY'
3 water water
#
loop_
_entity_poly.entity_id
_entity_poly.type
_entity_poly.pdbx_seq_one_letter_code
_entity_poly.pdbx_strand_id
1 'polypeptide(L)'
;DIQMTQSPASLSASVGETVTITCRASGNIHNYLAWYQQKQGKSPQLLVYNAKTLADGVPSRFSGSGSGTQYSLKINSLQP
EDFGSYYCQHFWSTPWTFGGGTKLEIKRADAAPTVSIFPPSSEQLTSGGASVVCFLNNFYPKDINVKWKIDGSERQNGVL
NSWTDQDSKDSTYSMSSTLTLTKDEYERHNSYTCEATHKTSTSPIVKSFNRNEC
;
L
2 'polypeptide(L)'
;EVQLQQSGAELVKPGASVKLSCTASGFNIKDTYMHWVKQRPEKGLEWIGRIDPASGNTKYDPKFQDKATITADTSSNTAY
LQLSSLTSEDTAVYYCAGYDYGNFDYWGQGTTLTVSSAETTPPSVYPLAPGTAALKSSMVTLGCLVKGYFPEPVTVTWNS
GSLSSGVHTFPAVLQSDLYTLSSSVTVPSSTWPSQTVTCNVAHPASSTKVDKKIVPRNC
;
H
#
# COMPACT_ATOMS: atom_id res chain seq x y z
N ASP A 1 12.56 19.27 -14.40
CA ASP A 1 12.74 19.20 -15.85
C ASP A 1 13.15 17.80 -16.36
N ILE A 2 13.89 17.02 -15.58
CA ILE A 2 14.25 15.69 -16.06
C ILE A 2 13.46 14.64 -15.30
N GLN A 3 12.90 13.69 -16.03
CA GLN A 3 12.13 12.63 -15.41
C GLN A 3 12.69 11.29 -15.83
N MET A 4 12.69 10.38 -14.87
CA MET A 4 13.21 9.05 -15.04
C MET A 4 12.09 8.09 -15.35
N THR A 5 12.25 7.35 -16.43
CA THR A 5 11.23 6.40 -16.76
C THR A 5 11.76 5.02 -16.45
N GLN A 6 11.39 4.52 -15.30
CA GLN A 6 11.81 3.22 -14.87
C GLN A 6 11.02 2.10 -15.55
N SER A 7 11.69 1.01 -15.88
CA SER A 7 11.06 -0.11 -16.54
C SER A 7 11.78 -1.38 -16.10
N PRO A 8 11.02 -2.46 -15.80
CA PRO A 8 9.56 -2.59 -15.84
C PRO A 8 8.96 -2.19 -14.49
N ALA A 9 7.66 -1.94 -14.45
CA ALA A 9 7.02 -1.54 -13.18
C ALA A 9 7.06 -2.71 -12.23
N SER A 10 6.85 -3.91 -12.76
CA SER A 10 6.87 -5.11 -11.94
C SER A 10 7.70 -6.13 -12.69
N LEU A 11 8.36 -7.00 -11.95
CA LEU A 11 9.19 -7.99 -12.57
C LEU A 11 9.12 -9.20 -11.67
N SER A 12 8.71 -10.35 -12.21
CA SER A 12 8.64 -11.58 -11.41
C SER A 12 9.90 -12.40 -11.61
N ALA A 13 10.52 -12.89 -10.54
CA ALA A 13 11.73 -13.68 -10.70
C ALA A 13 11.82 -14.79 -9.68
N SER A 14 12.90 -15.56 -9.72
CA SER A 14 13.09 -16.66 -8.80
C SER A 14 14.53 -16.73 -8.30
N VAL A 15 14.72 -17.35 -7.14
CA VAL A 15 16.06 -17.46 -6.58
C VAL A 15 17.02 -18.06 -7.58
N GLY A 16 18.18 -17.45 -7.73
CA GLY A 16 19.17 -17.95 -8.66
C GLY A 16 19.15 -17.24 -9.98
N GLU A 17 18.06 -16.52 -10.21
CA GLU A 17 17.87 -15.80 -11.45
C GLU A 17 18.65 -14.49 -11.52
N THR A 18 18.87 -14.03 -12.74
CA THR A 18 19.57 -12.78 -12.99
C THR A 18 18.49 -11.86 -13.49
N VAL A 19 18.60 -10.59 -13.17
CA VAL A 19 17.55 -9.63 -13.51
C VAL A 19 18.14 -8.24 -13.76
N THR A 20 17.59 -7.50 -14.72
CA THR A 20 18.06 -6.15 -14.97
C THR A 20 16.84 -5.24 -14.98
N ILE A 21 16.94 -4.13 -14.26
CA ILE A 21 15.86 -3.17 -14.18
C ILE A 21 16.43 -1.94 -14.87
N THR A 22 15.63 -1.21 -15.65
CA THR A 22 16.16 -0.01 -16.29
C THR A 22 15.48 1.33 -15.95
N CYS A 23 16.21 2.43 -16.17
CA CYS A 23 15.72 3.78 -15.94
C CYS A 23 16.25 4.63 -17.03
N ARG A 24 15.36 5.34 -17.73
CA ARG A 24 15.79 6.24 -18.79
C ARG A 24 15.44 7.67 -18.39
N ALA A 25 16.46 8.51 -18.26
CA ALA A 25 16.23 9.89 -17.90
C ALA A 25 15.67 10.57 -19.12
N SER A 26 14.81 11.55 -18.93
CA SER A 26 14.25 12.27 -20.05
C SER A 26 15.29 13.19 -20.68
N GLY A 27 16.49 13.21 -20.10
CA GLY A 27 17.57 14.04 -20.59
C GLY A 27 18.83 13.36 -20.14
N ASN A 28 20.00 13.86 -20.55
CA ASN A 28 21.27 13.24 -20.17
C ASN A 28 21.58 13.52 -18.72
N ILE A 29 21.75 12.49 -17.89
CA ILE A 29 22.06 12.72 -16.47
C ILE A 29 23.50 12.49 -16.08
N HIS A 30 24.33 12.22 -17.06
CA HIS A 30 25.76 12.07 -16.84
C HIS A 30 26.20 11.08 -15.80
N ASN A 31 25.44 10.00 -15.64
CA ASN A 31 25.74 8.96 -14.67
C ASN A 31 25.44 9.36 -13.26
N TYR A 32 24.79 10.48 -13.08
CA TYR A 32 24.38 10.91 -11.77
C TYR A 32 23.05 10.18 -11.60
N LEU A 33 23.15 8.90 -11.28
CA LEU A 33 22.00 8.03 -11.13
C LEU A 33 22.28 7.15 -9.92
N ALA A 34 21.25 6.86 -9.14
CA ALA A 34 21.43 6.02 -7.97
C ALA A 34 20.30 5.02 -8.02
N TRP A 35 20.50 3.86 -7.42
CA TRP A 35 19.48 2.83 -7.40
C TRP A 35 19.19 2.55 -5.98
N TYR A 36 17.91 2.45 -5.63
CA TYR A 36 17.50 2.18 -4.26
C TYR A 36 16.68 0.92 -4.21
N GLN A 37 16.77 0.21 -3.10
CA GLN A 37 15.99 -1.02 -2.88
C GLN A 37 15.12 -0.69 -1.68
N GLN A 38 13.85 -1.07 -1.73
CA GLN A 38 12.99 -0.81 -0.61
C GLN A 38 12.32 -2.11 -0.33
N LYS A 39 12.61 -2.68 0.82
CA LYS A 39 11.97 -3.92 1.17
C LYS A 39 10.68 -3.58 1.90
N GLN A 40 9.82 -4.56 2.05
CA GLN A 40 8.53 -4.38 2.69
C GLN A 40 8.57 -3.68 4.05
N GLY A 41 7.86 -2.56 4.13
CA GLY A 41 7.80 -1.78 5.36
C GLY A 41 9.13 -1.22 5.82
N LYS A 42 10.07 -1.05 4.89
CA LYS A 42 11.37 -0.51 5.24
C LYS A 42 11.64 0.79 4.50
N SER A 43 12.69 1.48 4.91
CA SER A 43 13.10 2.72 4.30
C SER A 43 14.02 2.35 3.17
N PRO A 44 14.02 3.14 2.09
CA PRO A 44 14.93 2.78 1.00
C PRO A 44 16.38 2.61 1.47
N GLN A 45 17.15 1.84 0.72
CA GLN A 45 18.54 1.61 1.06
C GLN A 45 19.23 1.72 -0.26
N LEU A 46 20.34 2.42 -0.30
CA LEU A 46 21.09 2.60 -1.53
C LEU A 46 21.83 1.34 -1.91
N LEU A 47 21.76 0.95 -3.17
CA LEU A 47 22.45 -0.23 -3.64
C LEU A 47 23.63 0.22 -4.46
N VAL A 48 23.35 1.15 -5.35
CA VAL A 48 24.34 1.67 -6.26
C VAL A 48 24.18 3.16 -6.45
N TYR A 49 25.29 3.86 -6.67
CA TYR A 49 25.23 5.28 -6.94
C TYR A 49 26.20 5.51 -8.08
N ASN A 50 26.17 6.68 -8.68
CA ASN A 50 27.02 6.97 -9.81
C ASN A 50 26.94 5.92 -10.92
N ALA A 51 25.73 5.42 -11.13
CA ALA A 51 25.47 4.43 -12.14
C ALA A 51 26.07 3.04 -11.91
N LYS A 52 27.33 2.96 -11.43
CA LYS A 52 27.95 1.65 -11.26
C LYS A 52 28.71 1.33 -9.98
N THR A 53 28.83 2.29 -9.08
CA THR A 53 29.54 2.03 -7.84
C THR A 53 28.65 1.49 -6.75
N LEU A 54 28.88 0.24 -6.36
CA LEU A 54 28.12 -0.44 -5.30
C LEU A 54 28.28 0.20 -3.92
N ALA A 55 27.17 0.45 -3.25
CA ALA A 55 27.20 1.05 -1.92
C ALA A 55 27.71 0.07 -0.88
N ASP A 56 27.82 0.54 0.35
CA ASP A 56 28.30 -0.28 1.42
C ASP A 56 27.41 -1.45 1.72
N GLY A 57 28.02 -2.62 1.87
CA GLY A 57 27.25 -3.79 2.22
C GLY A 57 26.39 -4.36 1.15
N VAL A 58 26.50 -3.82 -0.05
CA VAL A 58 25.74 -4.32 -1.17
C VAL A 58 26.63 -5.40 -1.75
N PRO A 59 26.16 -6.65 -1.76
CA PRO A 59 26.95 -7.75 -2.30
C PRO A 59 27.30 -7.64 -3.77
N SER A 60 28.33 -8.36 -4.20
CA SER A 60 28.73 -8.29 -5.59
C SER A 60 27.71 -8.68 -6.63
N ARG A 61 26.66 -9.41 -6.23
CA ARG A 61 25.69 -9.84 -7.21
C ARG A 61 24.93 -8.70 -7.87
N PHE A 62 25.05 -7.51 -7.32
CA PHE A 62 24.43 -6.33 -7.90
C PHE A 62 25.43 -5.58 -8.77
N SER A 63 25.04 -5.24 -9.99
CA SER A 63 25.92 -4.52 -10.89
C SER A 63 25.09 -3.37 -11.42
N GLY A 64 25.73 -2.28 -11.79
CA GLY A 64 24.98 -1.17 -12.33
C GLY A 64 25.69 -0.68 -13.57
N SER A 65 24.93 -0.33 -14.60
CA SER A 65 25.54 0.18 -15.83
C SER A 65 24.66 1.22 -16.47
N GLY A 66 25.22 1.91 -17.46
CA GLY A 66 24.50 2.94 -18.17
C GLY A 66 25.38 4.12 -18.53
N SER A 67 24.83 5.02 -19.34
CA SER A 67 25.54 6.23 -19.74
C SER A 67 24.53 7.20 -20.34
N GLY A 68 24.68 8.47 -20.00
CA GLY A 68 23.77 9.46 -20.53
C GLY A 68 22.36 9.37 -20.02
N THR A 69 21.49 8.68 -20.78
CA THR A 69 20.08 8.55 -20.44
C THR A 69 19.58 7.14 -20.07
N GLN A 70 20.22 6.10 -20.59
CA GLN A 70 19.78 4.73 -20.31
C GLN A 70 20.63 4.10 -19.23
N TYR A 71 20.02 3.62 -18.15
CA TYR A 71 20.77 3.01 -17.05
C TYR A 71 20.12 1.73 -16.60
N SER A 72 20.90 0.80 -16.10
CA SER A 72 20.37 -0.49 -15.71
C SER A 72 21.00 -0.98 -14.44
N LEU A 73 20.23 -1.79 -13.71
CA LEU A 73 20.66 -2.42 -12.47
C LEU A 73 20.47 -3.89 -12.77
N LYS A 74 21.48 -4.69 -12.52
CA LYS A 74 21.41 -6.12 -12.77
C LYS A 74 21.70 -6.81 -11.46
N ILE A 75 20.90 -7.80 -11.10
CA ILE A 75 21.14 -8.56 -9.88
C ILE A 75 21.47 -9.93 -10.44
N ASN A 76 22.62 -10.48 -10.09
CA ASN A 76 23.04 -11.75 -10.66
C ASN A 76 22.47 -13.05 -10.15
N SER A 77 22.57 -13.32 -8.86
CA SER A 77 21.99 -14.57 -8.39
C SER A 77 20.96 -14.27 -7.33
N LEU A 78 19.80 -13.82 -7.77
CA LEU A 78 18.71 -13.48 -6.87
C LEU A 78 18.61 -14.34 -5.63
N GLN A 79 18.98 -13.79 -4.49
CA GLN A 79 18.86 -14.50 -3.23
C GLN A 79 17.48 -14.14 -2.74
N PRO A 80 16.93 -14.92 -1.78
CA PRO A 80 15.60 -14.58 -1.30
C PRO A 80 15.40 -13.16 -0.80
N GLU A 81 16.45 -12.53 -0.26
CA GLU A 81 16.27 -11.19 0.29
C GLU A 81 16.38 -10.05 -0.67
N ASP A 82 16.49 -10.34 -1.96
CA ASP A 82 16.58 -9.28 -2.94
C ASP A 82 15.21 -8.84 -3.39
N PHE A 83 14.19 -9.55 -2.95
CA PHE A 83 12.85 -9.20 -3.38
C PHE A 83 12.35 -7.94 -2.70
N GLY A 84 12.03 -6.95 -3.52
CA GLY A 84 11.54 -5.70 -3.01
C GLY A 84 11.34 -4.76 -4.17
N SER A 85 11.19 -3.48 -3.89
CA SER A 85 11.01 -2.54 -4.96
C SER A 85 12.37 -1.96 -5.27
N TYR A 86 12.50 -1.42 -6.47
CA TYR A 86 13.74 -0.81 -6.84
C TYR A 86 13.36 0.50 -7.50
N TYR A 87 14.00 1.59 -7.06
CA TYR A 87 13.76 2.94 -7.59
C TYR A 87 15.10 3.47 -8.01
N CYS A 88 15.14 4.27 -9.06
CA CYS A 88 16.38 4.88 -9.47
C CYS A 88 16.04 6.35 -9.29
N GLN A 89 17.02 7.16 -8.92
CA GLN A 89 16.75 8.55 -8.74
C GLN A 89 17.87 9.19 -9.50
N HIS A 90 17.61 10.33 -10.11
CA HIS A 90 18.69 10.98 -10.81
C HIS A 90 19.03 12.10 -9.87
N PHE A 91 20.30 12.47 -9.82
CA PHE A 91 20.64 13.60 -9.01
C PHE A 91 21.41 14.57 -9.89
N TRP A 92 21.05 14.56 -11.16
CA TRP A 92 21.67 15.45 -12.12
C TRP A 92 21.22 16.90 -11.96
N SER A 93 19.94 17.12 -11.70
CA SER A 93 19.47 18.47 -11.51
C SER A 93 18.16 18.44 -10.77
N THR A 94 17.77 19.59 -10.24
CA THR A 94 16.53 19.71 -9.52
C THR A 94 15.36 19.74 -10.51
N PRO A 95 14.32 18.94 -10.25
CA PRO A 95 14.19 18.03 -9.11
C PRO A 95 14.88 16.69 -9.29
N TRP A 96 15.39 16.14 -8.19
CA TRP A 96 16.04 14.83 -8.22
C TRP A 96 14.90 13.82 -8.18
N THR A 97 14.24 13.65 -9.32
CA THR A 97 13.10 12.75 -9.43
C THR A 97 13.48 11.28 -9.35
N PHE A 98 12.51 10.47 -8.95
CA PHE A 98 12.67 9.04 -8.86
C PHE A 98 12.00 8.37 -10.05
N GLY A 99 12.35 7.13 -10.31
CA GLY A 99 11.69 6.41 -11.36
C GLY A 99 10.41 5.99 -10.68
N GLY A 100 9.48 5.40 -11.42
CA GLY A 100 8.21 4.98 -10.83
C GLY A 100 8.34 3.76 -9.92
N GLY A 101 9.48 3.06 -9.99
CA GLY A 101 9.70 1.91 -9.15
C GLY A 101 9.46 0.62 -9.88
N THR A 102 10.14 -0.44 -9.44
CA THR A 102 10.01 -1.77 -10.03
C THR A 102 9.81 -2.73 -8.88
N LYS A 103 8.71 -3.48 -8.86
CA LYS A 103 8.56 -4.44 -7.79
C LYS A 103 9.06 -5.75 -8.34
N LEU A 104 9.90 -6.41 -7.55
CA LEU A 104 10.48 -7.69 -7.92
C LEU A 104 9.70 -8.68 -7.06
N GLU A 105 8.89 -9.52 -7.69
CA GLU A 105 8.13 -10.48 -6.91
C GLU A 105 8.50 -11.91 -7.24
N ILE A 106 8.21 -12.82 -6.32
CA ILE A 106 8.54 -14.23 -6.49
C ILE A 106 7.63 -14.81 -7.56
N LYS A 107 8.23 -15.38 -8.59
CA LYS A 107 7.48 -15.93 -9.68
C LYS A 107 6.86 -17.21 -9.19
N ARG A 108 5.64 -17.46 -9.63
CA ARG A 108 4.91 -18.67 -9.30
C ARG A 108 3.94 -18.80 -10.43
N ALA A 109 3.26 -19.94 -10.52
CA ALA A 109 2.32 -20.15 -11.61
C ALA A 109 1.10 -19.28 -11.41
N ASP A 110 0.40 -19.02 -12.51
CA ASP A 110 -0.81 -18.22 -12.44
C ASP A 110 -1.79 -18.95 -11.59
N ALA A 111 -2.66 -18.21 -10.91
CA ALA A 111 -3.69 -18.80 -10.09
C ALA A 111 -4.83 -17.83 -10.30
N ALA A 112 -6.01 -18.32 -10.57
CA ALA A 112 -7.14 -17.41 -10.76
C ALA A 112 -7.65 -17.11 -9.37
N PRO A 113 -8.25 -15.93 -9.18
CA PRO A 113 -8.74 -15.62 -7.83
C PRO A 113 -9.98 -16.41 -7.44
N THR A 114 -10.17 -16.58 -6.15
CA THR A 114 -11.33 -17.24 -5.61
C THR A 114 -12.22 -16.03 -5.29
N VAL A 115 -13.23 -15.73 -6.10
CA VAL A 115 -14.04 -14.56 -5.81
C VAL A 115 -15.21 -14.86 -4.91
N SER A 116 -15.61 -13.91 -4.09
CA SER A 116 -16.74 -14.12 -3.19
C SER A 116 -17.38 -12.77 -2.97
N ILE A 117 -18.69 -12.70 -3.11
CA ILE A 117 -19.41 -11.45 -2.90
C ILE A 117 -20.22 -11.59 -1.63
N PHE A 118 -20.45 -10.50 -0.92
CA PHE A 118 -21.21 -10.56 0.32
C PHE A 118 -22.19 -9.41 0.33
N PRO A 119 -23.48 -9.72 0.42
CA PRO A 119 -24.44 -8.63 0.44
C PRO A 119 -24.25 -7.89 1.74
N PRO A 120 -24.94 -6.77 1.93
CA PRO A 120 -24.83 -5.99 3.16
C PRO A 120 -25.47 -6.70 4.34
N SER A 121 -24.79 -6.72 5.47
CA SER A 121 -25.36 -7.34 6.65
C SER A 121 -26.57 -6.53 7.15
N SER A 122 -27.58 -7.23 7.66
CA SER A 122 -28.79 -6.59 8.17
C SER A 122 -28.45 -5.51 9.17
N GLU A 123 -27.36 -5.70 9.87
CA GLU A 123 -26.95 -4.71 10.85
C GLU A 123 -26.54 -3.40 10.22
N GLN A 124 -25.97 -3.45 9.03
CA GLN A 124 -25.54 -2.23 8.39
C GLN A 124 -26.74 -1.51 7.78
N LEU A 125 -27.65 -2.28 7.18
CA LEU A 125 -28.85 -1.69 6.59
C LEU A 125 -29.53 -0.84 7.66
N THR A 126 -29.61 -1.39 8.87
CA THR A 126 -30.21 -0.71 10.01
C THR A 126 -29.64 0.71 10.23
N SER A 127 -28.43 0.94 9.77
CA SER A 127 -27.80 2.24 9.91
C SER A 127 -27.90 3.06 8.64
N GLY A 128 -28.80 2.68 7.75
CA GLY A 128 -28.98 3.43 6.52
C GLY A 128 -27.85 3.31 5.52
N GLY A 129 -26.87 2.45 5.82
CA GLY A 129 -25.75 2.25 4.92
C GLY A 129 -25.77 0.84 4.36
N ALA A 130 -25.03 0.63 3.29
CA ALA A 130 -25.03 -0.68 2.68
C ALA A 130 -23.78 -0.87 1.87
N SER A 131 -22.96 -1.84 2.26
CA SER A 131 -21.73 -2.12 1.54
C SER A 131 -21.72 -3.55 1.04
N VAL A 132 -21.52 -3.71 -0.26
CA VAL A 132 -21.45 -5.04 -0.84
C VAL A 132 -19.97 -5.33 -0.97
N VAL A 133 -19.50 -6.48 -0.50
CA VAL A 133 -18.08 -6.80 -0.56
C VAL A 133 -17.76 -7.91 -1.53
N CYS A 134 -16.53 -7.93 -2.00
CA CYS A 134 -16.12 -8.92 -2.97
C CYS A 134 -14.70 -9.18 -2.66
N PHE A 135 -14.37 -10.41 -2.28
CA PHE A 135 -13.01 -10.82 -1.98
C PHE A 135 -12.51 -11.60 -3.18
N LEU A 136 -11.34 -11.23 -3.69
CA LEU A 136 -10.74 -11.93 -4.82
C LEU A 136 -9.47 -12.45 -4.18
N ASN A 137 -9.51 -13.69 -3.70
CA ASN A 137 -8.39 -14.30 -2.99
C ASN A 137 -7.44 -15.21 -3.75
N ASN A 138 -6.21 -15.28 -3.25
CA ASN A 138 -5.11 -16.09 -3.77
C ASN A 138 -4.98 -16.15 -5.28
N PHE A 139 -4.62 -15.04 -5.93
CA PHE A 139 -4.47 -15.07 -7.38
C PHE A 139 -3.08 -14.68 -7.77
N TYR A 140 -2.74 -14.88 -9.04
CA TYR A 140 -1.41 -14.52 -9.48
C TYR A 140 -1.39 -14.58 -10.98
N PRO A 141 -0.82 -13.57 -11.65
CA PRO A 141 -0.16 -12.34 -11.22
C PRO A 141 -1.12 -11.38 -10.54
N LYS A 142 -0.62 -10.25 -10.07
CA LYS A 142 -1.49 -9.32 -9.36
C LYS A 142 -2.31 -8.38 -10.22
N ASP A 143 -2.10 -8.41 -11.53
CA ASP A 143 -2.88 -7.54 -12.36
C ASP A 143 -4.30 -8.07 -12.36
N ILE A 144 -5.23 -7.28 -11.83
CA ILE A 144 -6.62 -7.66 -11.79
C ILE A 144 -7.48 -6.42 -11.81
N ASN A 145 -8.66 -6.52 -12.40
CA ASN A 145 -9.51 -5.36 -12.49
C ASN A 145 -10.92 -5.70 -12.08
N VAL A 146 -11.35 -5.10 -10.99
CA VAL A 146 -12.68 -5.34 -10.49
C VAL A 146 -13.59 -4.27 -11.01
N LYS A 147 -14.82 -4.64 -11.34
CA LYS A 147 -15.82 -3.70 -11.83
C LYS A 147 -17.17 -4.02 -11.23
N TRP A 148 -17.75 -3.06 -10.55
CA TRP A 148 -19.04 -3.25 -9.91
C TRP A 148 -20.17 -2.87 -10.83
N LYS A 149 -21.33 -3.47 -10.63
CA LYS A 149 -22.48 -3.14 -11.44
C LYS A 149 -23.70 -3.25 -10.56
N ILE A 150 -24.65 -2.35 -10.75
CA ILE A 150 -25.89 -2.35 -10.01
C ILE A 150 -26.96 -2.34 -11.09
N ASP A 151 -27.51 -3.52 -11.37
CA ASP A 151 -28.51 -3.66 -12.41
C ASP A 151 -27.87 -3.37 -13.76
N GLY A 152 -26.79 -4.09 -14.04
CA GLY A 152 -26.10 -3.95 -15.30
C GLY A 152 -25.41 -2.63 -15.52
N SER A 153 -25.66 -1.66 -14.65
CA SER A 153 -25.02 -0.37 -14.82
C SER A 153 -23.76 -0.35 -13.99
N GLU A 154 -22.67 -0.02 -14.66
CA GLU A 154 -21.38 0.07 -14.02
C GLU A 154 -21.51 1.08 -12.89
N ARG A 155 -20.69 0.94 -11.86
CA ARG A 155 -20.70 1.85 -10.74
C ARG A 155 -19.26 2.08 -10.38
N GLN A 156 -18.78 3.30 -10.59
CA GLN A 156 -17.39 3.61 -10.33
C GLN A 156 -17.07 4.20 -8.97
N ASN A 157 -17.95 5.04 -8.44
CA ASN A 157 -17.68 5.64 -7.14
C ASN A 157 -18.31 4.81 -6.04
N GLY A 158 -17.69 4.83 -4.87
CA GLY A 158 -18.22 4.06 -3.78
C GLY A 158 -17.40 2.81 -3.59
N VAL A 159 -16.55 2.52 -4.57
CA VAL A 159 -15.70 1.36 -4.53
C VAL A 159 -14.45 1.64 -3.71
N LEU A 160 -14.14 0.73 -2.81
CA LEU A 160 -13.00 0.86 -1.92
C LEU A 160 -12.21 -0.43 -2.09
N ASN A 161 -11.03 -0.36 -2.70
CA ASN A 161 -10.22 -1.56 -2.93
C ASN A 161 -8.99 -1.64 -2.07
N SER A 162 -8.56 -2.85 -1.74
CA SER A 162 -7.38 -3.06 -0.92
C SER A 162 -6.67 -4.32 -1.39
N TRP A 163 -5.38 -4.43 -1.12
CA TRP A 163 -4.58 -5.58 -1.55
C TRP A 163 -3.62 -6.00 -0.49
N THR A 164 -3.38 -7.30 -0.39
CA THR A 164 -2.39 -7.78 0.55
C THR A 164 -1.14 -7.82 -0.31
N ASP A 165 0.02 -8.00 0.28
CA ASP A 165 1.21 -8.11 -0.53
C ASP A 165 1.38 -9.61 -0.74
N GLN A 166 2.17 -9.97 -1.74
CA GLN A 166 2.42 -11.36 -2.07
C GLN A 166 2.70 -12.27 -0.87
N ASP A 167 1.78 -13.19 -0.62
CA ASP A 167 1.84 -14.14 0.50
C ASP A 167 3.20 -14.79 0.65
N SER A 168 3.62 -14.96 1.89
CA SER A 168 4.90 -15.54 2.20
C SER A 168 4.99 -17.03 1.95
N LYS A 169 3.92 -17.77 2.21
CA LYS A 169 3.94 -19.22 1.99
C LYS A 169 3.51 -19.74 0.62
N ASP A 170 2.80 -18.94 -0.16
CA ASP A 170 2.39 -19.40 -1.50
C ASP A 170 2.53 -18.36 -2.62
N SER A 171 3.06 -17.20 -2.26
CA SER A 171 3.32 -16.12 -3.19
C SER A 171 2.17 -15.60 -4.06
N THR A 172 0.94 -15.85 -3.65
CA THR A 172 -0.23 -15.39 -4.42
C THR A 172 -0.65 -14.04 -3.90
N TYR A 173 -1.60 -13.39 -4.56
CA TYR A 173 -2.10 -12.09 -4.10
C TYR A 173 -3.54 -12.22 -3.67
N SER A 174 -4.10 -11.14 -3.15
CA SER A 174 -5.48 -11.13 -2.71
C SER A 174 -5.96 -9.70 -2.76
N MET A 175 -7.23 -9.53 -3.07
CA MET A 175 -7.77 -8.20 -3.15
C MET A 175 -9.15 -8.25 -2.52
N SER A 176 -9.60 -7.10 -2.00
CA SER A 176 -10.91 -6.98 -1.40
C SER A 176 -11.50 -5.68 -1.89
N SER A 177 -12.65 -5.75 -2.54
CA SER A 177 -13.32 -4.57 -3.07
C SER A 177 -14.67 -4.34 -2.40
N THR A 178 -14.93 -3.11 -1.94
CA THR A 178 -16.16 -2.79 -1.25
C THR A 178 -16.92 -1.65 -1.93
N LEU A 179 -18.18 -1.86 -2.32
CA LEU A 179 -19.00 -0.80 -2.92
C LEU A 179 -19.84 -0.23 -1.78
N THR A 180 -19.73 1.06 -1.50
CA THR A 180 -20.50 1.59 -0.41
C THR A 180 -21.63 2.43 -0.95
N LEU A 181 -22.85 1.94 -0.73
CA LEU A 181 -24.05 2.59 -1.20
C LEU A 181 -24.79 3.05 0.03
N THR A 182 -25.90 3.74 -0.19
CA THR A 182 -26.72 4.17 0.91
C THR A 182 -27.85 3.15 0.91
N LYS A 183 -28.58 3.02 2.00
CA LYS A 183 -29.64 2.07 2.00
C LYS A 183 -30.65 2.46 0.94
N ASP A 184 -30.98 3.75 0.88
CA ASP A 184 -31.96 4.25 -0.10
C ASP A 184 -31.71 3.70 -1.47
N GLU A 185 -30.47 3.79 -1.90
CA GLU A 185 -30.09 3.31 -3.22
C GLU A 185 -30.13 1.81 -3.28
N TYR A 186 -29.49 1.21 -2.31
CA TYR A 186 -29.40 -0.22 -2.23
C TYR A 186 -30.76 -0.88 -2.36
N GLU A 187 -31.72 -0.47 -1.56
CA GLU A 187 -33.05 -1.08 -1.62
C GLU A 187 -33.89 -0.62 -2.78
N ARG A 188 -33.25 0.03 -3.74
CA ARG A 188 -33.96 0.55 -4.90
C ARG A 188 -33.49 -0.23 -6.12
N HIS A 189 -32.56 -1.15 -5.90
CA HIS A 189 -32.00 -1.98 -6.97
C HIS A 189 -31.95 -3.44 -6.57
N ASN A 190 -31.73 -4.33 -7.52
CA ASN A 190 -31.72 -5.76 -7.21
C ASN A 190 -30.47 -6.50 -7.52
N SER A 191 -29.80 -6.19 -8.61
CA SER A 191 -28.60 -6.95 -8.93
C SER A 191 -27.25 -6.27 -8.72
N TYR A 192 -26.47 -6.89 -7.84
CA TYR A 192 -25.15 -6.42 -7.50
C TYR A 192 -24.16 -7.45 -7.98
N THR A 193 -23.37 -7.09 -8.98
CA THR A 193 -22.43 -8.02 -9.50
C THR A 193 -21.05 -7.39 -9.36
N CYS A 194 -20.08 -8.24 -9.12
CA CYS A 194 -18.70 -7.86 -8.96
C CYS A 194 -18.01 -8.57 -10.09
N GLU A 195 -17.33 -7.84 -10.97
CA GLU A 195 -16.67 -8.44 -12.10
C GLU A 195 -15.17 -8.36 -12.03
N ALA A 196 -14.51 -9.50 -11.99
CA ALA A 196 -13.07 -9.51 -11.93
C ALA A 196 -12.49 -9.95 -13.27
N THR A 197 -11.56 -9.17 -13.78
CA THR A 197 -10.89 -9.46 -15.03
C THR A 197 -9.42 -9.69 -14.70
N HIS A 198 -8.97 -10.91 -14.94
CA HIS A 198 -7.63 -11.29 -14.61
C HIS A 198 -7.03 -12.01 -15.79
N LYS A 199 -5.72 -12.22 -15.71
CA LYS A 199 -4.96 -12.90 -16.77
C LYS A 199 -5.36 -14.34 -17.00
N THR A 200 -5.86 -15.02 -15.97
CA THR A 200 -6.23 -16.43 -16.08
C THR A 200 -7.52 -16.78 -16.80
N SER A 201 -8.28 -15.77 -17.19
CA SER A 201 -9.54 -16.00 -17.87
C SER A 201 -9.69 -14.87 -18.86
N THR A 202 -10.20 -15.17 -20.04
CA THR A 202 -10.38 -14.10 -20.99
C THR A 202 -11.66 -13.34 -20.63
N SER A 203 -12.65 -14.06 -20.12
CA SER A 203 -13.91 -13.42 -19.72
C SER A 203 -13.89 -13.28 -18.21
N PRO A 204 -14.48 -12.19 -17.70
CA PRO A 204 -14.55 -11.86 -16.29
C PRO A 204 -15.18 -12.93 -15.42
N ILE A 205 -14.58 -13.11 -14.25
CA ILE A 205 -15.09 -14.03 -13.26
C ILE A 205 -16.12 -13.12 -12.62
N VAL A 206 -17.38 -13.53 -12.57
CA VAL A 206 -18.38 -12.66 -12.01
C VAL A 206 -19.18 -13.31 -10.89
N LYS A 207 -19.53 -12.50 -9.90
CA LYS A 207 -20.32 -12.95 -8.76
C LYS A 207 -21.43 -11.96 -8.52
N SER A 208 -22.65 -12.46 -8.38
CA SER A 208 -23.77 -11.60 -8.17
C SER A 208 -24.65 -12.17 -7.10
N PHE A 209 -25.53 -11.31 -6.60
CA PHE A 209 -26.53 -11.69 -5.61
C PHE A 209 -27.62 -10.67 -5.89
N ASN A 210 -28.86 -11.10 -5.79
CA ASN A 210 -29.95 -10.20 -6.02
C ASN A 210 -30.45 -9.85 -4.64
N ARG A 211 -30.73 -8.57 -4.42
CA ARG A 211 -31.20 -8.15 -3.12
C ARG A 211 -32.50 -8.83 -2.70
N ASN A 212 -33.53 -8.78 -3.54
CA ASN A 212 -34.76 -9.43 -3.11
C ASN A 212 -35.00 -10.81 -3.67
N GLU A 213 -33.92 -11.51 -3.97
CA GLU A 213 -34.02 -12.89 -4.46
C GLU A 213 -33.30 -13.70 -3.40
N CYS A 214 -33.94 -13.82 -2.25
CA CYS A 214 -33.33 -14.53 -1.16
C CYS A 214 -34.27 -15.05 -0.05
N GLU B 1 25.96 4.33 15.63
CA GLU B 1 26.18 4.40 14.19
C GLU B 1 25.21 5.47 13.69
N VAL B 2 25.22 5.82 12.41
CA VAL B 2 24.30 6.86 11.92
C VAL B 2 22.84 6.50 12.14
N GLN B 3 22.02 7.49 12.45
CA GLN B 3 20.61 7.27 12.71
C GLN B 3 19.82 8.51 12.44
N LEU B 4 18.80 8.41 11.60
CA LEU B 4 17.94 9.56 11.33
C LEU B 4 16.61 9.20 11.94
N GLN B 5 16.23 9.91 13.00
CA GLN B 5 14.99 9.65 13.70
C GLN B 5 13.93 10.63 13.27
N GLN B 6 12.79 10.11 12.86
CA GLN B 6 11.70 10.94 12.42
C GLN B 6 10.61 10.90 13.48
N SER B 7 9.80 11.95 13.54
CA SER B 7 8.70 12.01 14.50
C SER B 7 7.84 10.76 14.32
N GLY B 8 6.96 10.50 15.28
CA GLY B 8 6.08 9.35 15.15
C GLY B 8 5.07 9.70 14.08
N ALA B 9 4.09 8.85 13.85
CA ALA B 9 3.08 9.14 12.85
C ALA B 9 2.38 10.44 13.27
N GLU B 10 1.79 11.14 12.31
CA GLU B 10 1.09 12.38 12.63
C GLU B 10 -0.34 12.36 12.10
N LEU B 11 -1.23 12.91 12.91
CA LEU B 11 -2.65 13.00 12.59
C LEU B 11 -2.93 14.51 12.51
N VAL B 12 -3.60 14.94 11.44
CA VAL B 12 -3.93 16.34 11.24
C VAL B 12 -5.20 16.42 10.35
N LYS B 13 -5.93 17.53 10.45
CA LYS B 13 -7.19 17.70 9.71
C LYS B 13 -7.01 18.43 8.40
N PRO B 14 -7.88 18.23 7.40
CA PRO B 14 -7.76 18.93 6.12
C PRO B 14 -7.58 20.41 6.39
N GLY B 15 -6.82 21.09 5.55
CA GLY B 15 -6.59 22.51 5.75
C GLY B 15 -5.51 22.83 6.77
N ALA B 16 -5.28 21.99 7.77
CA ALA B 16 -4.26 22.27 8.76
C ALA B 16 -2.86 22.26 8.13
N SER B 17 -1.84 22.28 8.96
CA SER B 17 -0.46 22.29 8.50
C SER B 17 0.38 21.55 9.50
N VAL B 18 1.28 20.71 9.02
CA VAL B 18 2.12 19.94 9.93
C VAL B 18 3.61 20.17 9.70
N LYS B 19 4.40 19.88 10.70
CA LYS B 19 5.84 20.06 10.61
C LYS B 19 6.45 18.80 11.17
N LEU B 20 7.06 18.03 10.29
CA LEU B 20 7.68 16.77 10.66
C LEU B 20 9.15 16.99 10.94
N SER B 21 9.65 16.33 11.96
CA SER B 21 11.05 16.38 12.36
C SER B 21 11.83 15.22 11.77
N CYS B 22 13.12 15.42 11.67
CA CYS B 22 14.02 14.39 11.17
C CYS B 22 15.32 14.80 11.80
N THR B 23 15.72 14.05 12.83
CA THR B 23 16.92 14.33 13.56
C THR B 23 18.00 13.33 13.17
N ALA B 24 19.24 13.80 13.08
CA ALA B 24 20.35 12.95 12.71
C ALA B 24 21.39 12.81 13.82
N SER B 25 21.82 11.57 14.03
CA SER B 25 22.81 11.23 15.03
C SER B 25 23.92 10.50 14.30
N GLY B 26 25.16 10.65 14.75
CA GLY B 26 26.24 9.96 14.10
C GLY B 26 26.77 10.62 12.85
N PHE B 27 26.35 11.86 12.63
CA PHE B 27 26.82 12.63 11.49
C PHE B 27 26.17 13.99 11.53
N ASN B 28 26.87 14.98 11.03
CA ASN B 28 26.39 16.34 11.02
C ASN B 28 25.55 16.53 9.75
N ILE B 29 24.30 16.94 9.91
CA ILE B 29 23.47 17.10 8.74
C ILE B 29 24.03 18.02 7.68
N LYS B 30 24.95 18.91 8.01
CA LYS B 30 25.45 19.79 6.96
C LYS B 30 26.52 19.21 6.06
N ASP B 31 26.89 17.96 6.32
CA ASP B 31 27.88 17.26 5.52
C ASP B 31 27.21 16.62 4.30
N THR B 32 25.89 16.75 4.22
CA THR B 32 25.12 16.17 3.12
C THR B 32 23.84 16.98 2.87
N TYR B 33 22.99 16.53 1.94
CA TYR B 33 21.75 17.24 1.68
C TYR B 33 20.70 16.43 2.38
N MET B 34 19.79 17.11 3.08
CA MET B 34 18.69 16.44 3.75
C MET B 34 17.54 16.47 2.77
N HIS B 35 16.95 15.31 2.52
CA HIS B 35 15.85 15.22 1.58
C HIS B 35 14.61 14.83 2.29
N TRP B 36 13.51 15.08 1.62
CA TRP B 36 12.23 14.71 2.12
C TRP B 36 11.61 14.07 0.91
N VAL B 37 11.08 12.88 1.12
CA VAL B 37 10.51 12.09 0.08
C VAL B 37 9.15 11.62 0.56
N LYS B 38 8.16 11.69 -0.31
CA LYS B 38 6.80 11.27 0.02
C LYS B 38 6.57 9.92 -0.63
N GLN B 39 5.81 9.06 0.02
CA GLN B 39 5.48 7.77 -0.56
C GLN B 39 4.04 7.48 -0.19
N ARG B 40 3.16 7.72 -1.15
CA ARG B 40 1.74 7.50 -0.96
C ARG B 40 1.51 6.01 -0.73
N PRO B 41 0.47 5.66 0.04
CA PRO B 41 0.15 4.26 0.33
C PRO B 41 0.16 3.45 -0.95
N GLU B 42 1.09 2.50 -1.05
CA GLU B 42 1.19 1.64 -2.23
C GLU B 42 1.57 2.34 -3.53
N LYS B 43 2.28 3.46 -3.46
CA LYS B 43 2.70 4.16 -4.67
C LYS B 43 4.19 4.47 -4.66
N GLY B 44 4.69 5.11 -5.71
CA GLY B 44 6.11 5.40 -5.77
C GLY B 44 6.66 6.37 -4.75
N LEU B 45 7.97 6.60 -4.80
CA LEU B 45 8.67 7.55 -3.94
C LEU B 45 8.74 8.84 -4.76
N GLU B 46 8.17 9.92 -4.25
CA GLU B 46 8.17 11.21 -4.94
C GLU B 46 9.07 12.09 -4.10
N TRP B 47 10.11 12.62 -4.70
CA TRP B 47 11.05 13.48 -4.02
C TRP B 47 10.43 14.87 -3.91
N ILE B 48 10.23 15.34 -2.68
CA ILE B 48 9.62 16.64 -2.44
C ILE B 48 10.66 17.72 -2.61
N GLY B 49 11.80 17.54 -1.98
CA GLY B 49 12.83 18.53 -2.13
C GLY B 49 13.94 18.24 -1.15
N ARG B 50 14.94 19.10 -1.12
CA ARG B 50 16.08 18.93 -0.23
C ARG B 50 16.47 20.28 0.32
N ILE B 51 17.27 20.25 1.37
CA ILE B 51 17.73 21.47 1.98
C ILE B 51 19.21 21.20 2.23
N ASP B 52 20.06 22.06 1.72
CA ASP B 52 21.51 21.95 1.93
C ASP B 52 21.63 22.67 3.28
N PRO B 53 21.69 21.93 4.39
CA PRO B 53 21.79 22.57 5.71
C PRO B 53 22.91 23.58 5.81
N ALA B 54 23.97 23.37 5.04
CA ALA B 54 25.08 24.30 5.08
C ALA B 54 24.67 25.70 4.62
N SER B 55 24.04 25.77 3.44
CA SER B 55 23.64 27.03 2.83
C SER B 55 22.19 27.48 2.97
N GLY B 56 21.32 26.61 3.45
CA GLY B 56 19.92 26.98 3.56
C GLY B 56 19.26 26.92 2.19
N ASN B 57 20.07 26.50 1.22
CA ASN B 57 19.68 26.35 -0.18
C ASN B 57 18.70 25.18 -0.28
N THR B 58 17.44 25.47 -0.59
CA THR B 58 16.40 24.46 -0.72
C THR B 58 16.00 24.38 -2.18
N LYS B 59 15.66 23.19 -2.64
CA LYS B 59 15.25 23.01 -4.00
C LYS B 59 14.04 22.13 -3.87
N TYR B 60 13.03 22.33 -4.71
CA TYR B 60 11.82 21.53 -4.62
C TYR B 60 11.36 21.00 -5.96
N ASP B 61 10.37 20.13 -5.90
CA ASP B 61 9.76 19.58 -7.10
C ASP B 61 8.64 20.58 -7.27
N PRO B 62 8.51 21.18 -8.45
CA PRO B 62 7.46 22.17 -8.71
C PRO B 62 6.09 21.85 -8.13
N LYS B 63 5.69 20.60 -8.17
CA LYS B 63 4.39 20.19 -7.65
C LYS B 63 4.24 20.52 -6.17
N PHE B 64 5.35 20.58 -5.46
CA PHE B 64 5.35 20.85 -4.03
C PHE B 64 5.81 22.24 -3.65
N GLN B 65 6.14 23.07 -4.62
CA GLN B 65 6.63 24.43 -4.34
C GLN B 65 5.81 25.22 -3.32
N ASP B 66 4.50 25.17 -3.49
CA ASP B 66 3.61 25.90 -2.62
C ASP B 66 3.08 25.04 -1.51
N LYS B 67 3.05 23.74 -1.72
CA LYS B 67 2.52 22.83 -0.71
C LYS B 67 3.55 22.53 0.37
N ALA B 68 4.82 22.48 -0.01
CA ALA B 68 5.89 22.16 0.95
C ALA B 68 6.90 23.26 1.26
N THR B 69 7.58 23.08 2.39
CA THR B 69 8.60 24.02 2.82
C THR B 69 9.53 23.24 3.71
N ILE B 70 10.76 23.06 3.24
CA ILE B 70 11.78 22.34 4.01
C ILE B 70 12.71 23.38 4.66
N THR B 71 13.04 23.16 5.92
CA THR B 71 13.90 24.06 6.63
C THR B 71 14.81 23.18 7.48
N ALA B 72 15.78 23.81 8.13
CA ALA B 72 16.71 23.06 8.96
C ALA B 72 17.25 23.95 10.06
N ASP B 73 17.85 23.31 11.04
CA ASP B 73 18.44 23.97 12.19
C ASP B 73 19.64 23.09 12.47
N THR B 74 20.78 23.39 11.87
CA THR B 74 21.98 22.60 12.08
C THR B 74 22.31 22.45 13.57
N SER B 75 21.76 23.35 14.37
CA SER B 75 21.96 23.32 15.82
C SER B 75 21.58 21.95 16.36
N SER B 76 20.28 21.65 16.26
CA SER B 76 19.72 20.39 16.73
C SER B 76 19.95 19.27 15.74
N ASN B 77 20.68 19.58 14.67
CA ASN B 77 20.99 18.61 13.63
C ASN B 77 19.68 18.03 13.10
N THR B 78 18.69 18.90 12.90
CA THR B 78 17.38 18.49 12.44
C THR B 78 16.90 19.23 11.20
N ALA B 79 16.20 18.53 10.33
CA ALA B 79 15.65 19.13 9.12
C ALA B 79 14.16 19.03 9.36
N TYR B 80 13.38 19.79 8.61
CA TYR B 80 11.93 19.77 8.78
C TYR B 80 11.21 19.87 7.45
N LEU B 81 9.97 19.41 7.46
CA LEU B 81 9.10 19.48 6.30
C LEU B 81 7.79 20.08 6.82
N GLN B 82 7.43 21.22 6.25
CA GLN B 82 6.24 21.95 6.63
C GLN B 82 5.25 21.80 5.49
N LEU B 83 4.21 20.99 5.70
CA LEU B 83 3.18 20.84 4.68
C LEU B 83 2.05 21.79 5.08
N SER B 84 1.58 22.60 4.12
CA SER B 84 0.52 23.59 4.34
C SER B 84 -0.79 23.24 3.63
N SER B 85 -1.93 23.55 4.26
CA SER B 85 -3.24 23.30 3.67
C SER B 85 -3.37 21.84 3.29
N LEU B 86 -3.43 20.98 4.29
CA LEU B 86 -3.54 19.56 4.02
C LEU B 86 -4.76 19.17 3.19
N THR B 87 -4.56 18.12 2.41
CA THR B 87 -5.56 17.54 1.52
C THR B 87 -5.40 16.03 1.78
N SER B 88 -6.39 15.23 1.40
CA SER B 88 -6.28 13.78 1.59
C SER B 88 -5.13 13.23 0.73
N GLU B 89 -4.64 14.07 -0.18
CA GLU B 89 -3.54 13.76 -1.09
C GLU B 89 -2.21 13.77 -0.35
N ASP B 90 -2.18 14.38 0.83
CA ASP B 90 -0.96 14.47 1.64
C ASP B 90 -0.80 13.29 2.60
N THR B 91 -1.78 12.40 2.61
CA THR B 91 -1.69 11.23 3.45
C THR B 91 -0.66 10.33 2.74
N ALA B 92 0.46 10.09 3.41
CA ALA B 92 1.53 9.28 2.86
C ALA B 92 2.60 9.14 3.91
N VAL B 93 3.60 8.30 3.63
CA VAL B 93 4.72 8.17 4.54
C VAL B 93 5.68 9.24 4.06
N TYR B 94 6.28 9.94 5.00
CA TYR B 94 7.23 11.00 4.67
C TYR B 94 8.58 10.59 5.20
N TYR B 95 9.46 10.30 4.28
CA TYR B 95 10.80 9.87 4.60
C TYR B 95 11.77 11.02 4.49
N CYS B 96 12.70 11.13 5.43
CA CYS B 96 13.74 12.14 5.32
C CYS B 96 15.01 11.32 5.08
N ALA B 97 15.95 11.85 4.32
CA ALA B 97 17.12 11.07 4.05
C ALA B 97 18.32 11.97 4.03
N GLY B 98 19.44 11.47 4.51
CA GLY B 98 20.64 12.29 4.47
C GLY B 98 21.50 11.67 3.40
N TYR B 99 21.78 12.42 2.34
CA TYR B 99 22.63 11.94 1.25
C TYR B 99 22.84 13.00 0.19
N ASP B 100 23.80 12.76 -0.68
CA ASP B 100 24.08 13.72 -1.73
C ASP B 100 24.60 13.08 -3.02
N TYR B 101 25.90 12.85 -3.10
CA TYR B 101 26.47 12.31 -4.34
C TYR B 101 27.25 11.04 -4.21
N GLY B 102 27.51 10.61 -2.98
CA GLY B 102 28.30 9.42 -2.76
C GLY B 102 27.62 8.32 -2.00
N ASN B 103 28.43 7.46 -1.39
CA ASN B 103 27.88 6.35 -0.68
C ASN B 103 27.31 6.64 0.68
N PHE B 104 27.51 7.85 1.18
CA PHE B 104 26.91 8.16 2.45
C PHE B 104 25.43 8.37 2.15
N ASP B 105 24.61 7.37 2.44
CA ASP B 105 23.18 7.42 2.16
C ASP B 105 22.44 6.76 3.32
N TYR B 106 21.73 7.57 4.10
CA TYR B 106 20.99 7.05 5.25
C TYR B 106 19.58 7.57 5.18
N TRP B 107 18.63 6.74 5.59
CA TRP B 107 17.23 7.10 5.56
C TRP B 107 16.63 6.96 6.93
N GLY B 108 15.51 7.64 7.15
CA GLY B 108 14.85 7.58 8.44
C GLY B 108 13.82 6.50 8.33
N GLN B 109 13.33 6.02 9.47
CA GLN B 109 12.31 4.96 9.50
C GLN B 109 10.99 5.39 8.85
N GLY B 110 10.86 6.68 8.57
CA GLY B 110 9.64 7.20 7.97
C GLY B 110 8.59 7.63 8.98
N THR B 111 7.81 8.64 8.61
CA THR B 111 6.74 9.19 9.43
C THR B 111 5.48 9.04 8.59
N THR B 112 4.46 8.42 9.12
CA THR B 112 3.26 8.27 8.33
C THR B 112 2.28 9.38 8.69
N LEU B 113 1.93 10.18 7.70
CA LEU B 113 1.01 11.29 7.90
C LEU B 113 -0.38 10.95 7.35
N THR B 114 -1.41 11.17 8.16
CA THR B 114 -2.78 10.86 7.75
C THR B 114 -3.67 12.07 7.93
N VAL B 115 -4.22 12.58 6.84
CA VAL B 115 -5.11 13.75 6.87
C VAL B 115 -6.57 13.35 7.14
N SER B 116 -7.01 13.49 8.39
CA SER B 116 -8.37 13.10 8.73
C SER B 116 -9.06 13.90 9.84
N SER B 117 -10.32 14.24 9.57
CA SER B 117 -11.18 15.00 10.49
C SER B 117 -11.63 14.10 11.64
N ALA B 118 -11.88 12.85 11.29
CA ALA B 118 -12.36 11.84 12.22
C ALA B 118 -11.77 11.86 13.62
N GLU B 119 -12.61 11.54 14.60
CA GLU B 119 -12.18 11.47 15.99
C GLU B 119 -12.06 9.97 16.27
N THR B 120 -11.40 9.59 17.35
CA THR B 120 -11.24 8.18 17.69
C THR B 120 -12.58 7.43 17.72
N THR B 121 -12.96 6.86 16.57
CA THR B 121 -14.20 6.10 16.39
C THR B 121 -14.03 4.57 16.44
N PRO B 122 -14.97 3.83 17.08
CA PRO B 122 -14.83 2.36 17.11
C PRO B 122 -15.30 1.94 15.72
N PRO B 123 -14.91 0.75 15.27
CA PRO B 123 -15.39 0.39 13.94
C PRO B 123 -16.73 -0.27 14.07
N SER B 124 -17.47 -0.29 12.98
CA SER B 124 -18.73 -0.99 12.97
C SER B 124 -18.26 -2.30 12.34
N VAL B 125 -18.32 -3.39 13.10
CA VAL B 125 -17.90 -4.66 12.55
C VAL B 125 -19.14 -5.35 12.05
N TYR B 126 -19.12 -5.74 10.79
CA TYR B 126 -20.26 -6.41 10.20
C TYR B 126 -19.82 -7.79 9.74
N PRO B 127 -20.54 -8.83 10.14
CA PRO B 127 -20.24 -10.22 9.76
C PRO B 127 -20.60 -10.35 8.33
N LEU B 128 -19.68 -10.83 7.52
CA LEU B 128 -19.94 -11.00 6.11
C LEU B 128 -20.28 -12.45 5.84
N ALA B 129 -21.54 -12.70 5.52
CA ALA B 129 -22.05 -14.02 5.21
C ALA B 129 -22.10 -14.01 3.69
N PRO B 130 -21.72 -15.12 3.05
CA PRO B 130 -21.63 -15.43 1.62
C PRO B 130 -22.73 -15.25 0.58
N GLY B 131 -22.26 -15.25 -0.68
CA GLY B 131 -23.09 -15.21 -1.88
C GLY B 131 -22.91 -16.64 -2.43
N THR B 132 -23.75 -17.49 -1.88
CA THR B 132 -23.85 -18.94 -2.05
C THR B 132 -23.22 -19.88 -3.10
N ALA B 133 -22.83 -19.40 -4.29
CA ALA B 133 -22.23 -20.28 -5.30
C ALA B 133 -21.00 -21.07 -4.80
N ALA B 134 -20.38 -20.52 -3.76
CA ALA B 134 -19.20 -21.12 -3.14
C ALA B 134 -19.61 -22.28 -2.24
N LEU B 135 -20.85 -22.24 -1.77
CA LEU B 135 -21.37 -23.28 -0.87
C LEU B 135 -21.24 -24.70 -1.42
N LYS B 136 -21.70 -24.90 -2.65
CA LYS B 136 -21.58 -26.23 -3.26
C LYS B 136 -20.20 -26.53 -3.86
N SER B 137 -19.16 -26.11 -3.12
CA SER B 137 -17.75 -26.32 -3.46
C SER B 137 -17.05 -26.68 -2.13
N SER B 138 -15.81 -27.18 -2.24
CA SER B 138 -15.00 -27.61 -1.09
C SER B 138 -14.88 -26.69 0.12
N MET B 139 -14.60 -25.41 -0.11
CA MET B 139 -14.44 -24.44 0.99
C MET B 139 -15.35 -23.22 0.88
N VAL B 140 -15.67 -22.62 2.02
CA VAL B 140 -16.53 -21.44 2.06
C VAL B 140 -15.71 -20.28 2.60
N THR B 141 -15.88 -19.09 2.02
CA THR B 141 -15.14 -17.95 2.49
C THR B 141 -16.10 -16.98 3.18
N LEU B 142 -15.75 -16.60 4.41
CA LEU B 142 -16.56 -15.70 5.20
C LEU B 142 -15.66 -14.52 5.39
N GLY B 143 -16.19 -13.44 5.94
CA GLY B 143 -15.37 -12.27 6.17
C GLY B 143 -15.99 -11.30 7.16
N CYS B 144 -15.29 -10.21 7.44
CA CYS B 144 -15.76 -9.18 8.36
C CYS B 144 -15.46 -7.82 7.82
N LEU B 145 -16.43 -6.93 7.88
CA LEU B 145 -16.23 -5.61 7.41
C LEU B 145 -16.01 -4.86 8.69
N VAL B 146 -14.81 -4.37 8.88
CA VAL B 146 -14.50 -3.59 10.07
C VAL B 146 -14.52 -2.21 9.45
N LYS B 147 -15.65 -1.52 9.58
CA LYS B 147 -15.85 -0.23 8.94
C LYS B 147 -15.87 1.05 9.78
N GLY B 148 -15.75 2.18 9.08
CA GLY B 148 -15.79 3.49 9.70
C GLY B 148 -15.11 3.70 11.03
N TYR B 149 -13.91 3.17 11.23
CA TYR B 149 -13.21 3.39 12.50
C TYR B 149 -12.06 4.34 12.34
N PHE B 150 -11.40 4.62 13.47
CA PHE B 150 -10.27 5.51 13.50
C PHE B 150 -9.70 5.47 14.91
N PRO B 151 -8.37 5.45 15.04
CA PRO B 151 -7.41 5.42 13.94
C PRO B 151 -6.94 3.98 13.84
N GLU B 152 -6.03 3.70 12.92
CA GLU B 152 -5.51 2.34 12.79
C GLU B 152 -4.72 2.07 14.06
N PRO B 153 -4.48 0.79 14.40
CA PRO B 153 -4.86 -0.43 13.69
C PRO B 153 -6.05 -1.18 14.28
N VAL B 154 -6.14 -2.46 13.92
CA VAL B 154 -7.19 -3.33 14.38
C VAL B 154 -6.67 -4.73 14.16
N THR B 155 -6.77 -5.58 15.15
CA THR B 155 -6.31 -6.95 14.97
C THR B 155 -7.58 -7.75 14.79
N VAL B 156 -7.62 -8.52 13.71
CA VAL B 156 -8.77 -9.34 13.40
C VAL B 156 -8.30 -10.77 13.45
N THR B 157 -8.83 -11.52 14.41
CA THR B 157 -8.46 -12.92 14.52
C THR B 157 -9.78 -13.63 14.28
N TRP B 158 -9.75 -14.93 14.18
CA TRP B 158 -10.99 -15.67 13.95
C TRP B 158 -11.06 -16.81 14.96
N ASN B 159 -12.24 -17.02 15.54
CA ASN B 159 -12.41 -18.07 16.52
C ASN B 159 -11.33 -17.92 17.56
N SER B 160 -11.07 -16.67 17.90
CA SER B 160 -10.07 -16.32 18.90
C SER B 160 -8.66 -16.78 18.55
N GLY B 161 -8.36 -16.85 17.26
CA GLY B 161 -7.04 -17.27 16.84
C GLY B 161 -6.97 -18.74 16.55
N SER B 162 -8.02 -19.47 16.91
CA SER B 162 -8.05 -20.89 16.65
C SER B 162 -7.94 -21.06 15.14
N LEU B 163 -8.53 -20.12 14.42
CA LEU B 163 -8.49 -20.13 12.96
C LEU B 163 -7.31 -19.22 12.66
N SER B 164 -6.15 -19.84 12.43
CA SER B 164 -4.94 -19.08 12.16
C SER B 164 -4.65 -19.02 10.67
N SER B 165 -4.83 -20.15 9.97
CA SER B 165 -4.55 -20.18 8.54
C SER B 165 -5.77 -20.00 7.68
N GLY B 166 -5.54 -19.68 6.41
CA GLY B 166 -6.60 -19.47 5.45
C GLY B 166 -7.21 -18.10 5.59
N VAL B 167 -6.58 -17.26 6.39
CA VAL B 167 -7.10 -15.92 6.63
C VAL B 167 -6.37 -14.88 5.82
N HIS B 168 -7.13 -13.91 5.32
CA HIS B 168 -6.55 -12.83 4.57
C HIS B 168 -7.11 -11.58 5.18
N THR B 169 -6.35 -10.92 6.05
CA THR B 169 -6.81 -9.67 6.63
C THR B 169 -6.24 -8.63 5.68
N PHE B 170 -7.11 -7.87 5.04
CA PHE B 170 -6.70 -6.85 4.07
C PHE B 170 -6.33 -5.52 4.68
N PRO B 171 -5.37 -4.82 4.06
CA PRO B 171 -4.92 -3.51 4.53
C PRO B 171 -6.09 -2.55 4.58
N ALA B 172 -6.04 -1.63 5.52
CA ALA B 172 -7.10 -0.64 5.68
C ALA B 172 -6.97 0.48 4.66
N VAL B 173 -8.09 1.04 4.23
CA VAL B 173 -8.04 2.13 3.28
C VAL B 173 -8.80 3.27 3.91
N LEU B 174 -8.21 4.46 3.91
CA LEU B 174 -8.85 5.62 4.51
C LEU B 174 -9.75 6.24 3.48
N GLN B 175 -11.06 6.15 3.68
CA GLN B 175 -12.02 6.70 2.73
C GLN B 175 -12.90 7.67 3.50
N SER B 176 -13.20 8.80 2.88
CA SER B 176 -14.03 9.83 3.48
C SER B 176 -13.71 10.04 4.95
N ASP B 177 -12.41 10.10 5.21
CA ASP B 177 -11.85 10.36 6.52
C ASP B 177 -11.87 9.27 7.57
N LEU B 178 -12.36 8.07 7.24
CA LEU B 178 -12.39 6.98 8.22
C LEU B 178 -11.84 5.69 7.62
N TYR B 179 -11.30 4.82 8.46
CA TYR B 179 -10.76 3.55 7.99
C TYR B 179 -11.81 2.46 7.81
N THR B 180 -11.50 1.54 6.91
CA THR B 180 -12.35 0.43 6.59
C THR B 180 -11.42 -0.69 6.17
N LEU B 181 -11.56 -1.84 6.80
CA LEU B 181 -10.77 -2.98 6.40
C LEU B 181 -11.72 -4.16 6.41
N SER B 182 -11.34 -5.22 5.73
CA SER B 182 -12.15 -6.41 5.69
C SER B 182 -11.15 -7.56 5.81
N SER B 183 -11.56 -8.63 6.44
CA SER B 183 -10.69 -9.77 6.60
C SER B 183 -11.53 -10.94 6.12
N SER B 184 -10.87 -11.97 5.61
CA SER B 184 -11.55 -13.16 5.11
C SER B 184 -10.97 -14.39 5.76
N VAL B 185 -11.75 -15.46 5.78
CA VAL B 185 -11.34 -16.70 6.35
C VAL B 185 -11.95 -17.77 5.47
N THR B 186 -11.16 -18.77 5.12
CA THR B 186 -11.63 -19.89 4.32
C THR B 186 -11.63 -21.09 5.27
N VAL B 187 -12.76 -21.77 5.33
CA VAL B 187 -12.91 -22.92 6.20
C VAL B 187 -13.65 -23.94 5.33
N PRO B 188 -13.47 -25.24 5.61
CA PRO B 188 -14.15 -26.25 4.79
C PRO B 188 -15.64 -26.04 4.91
N SER B 189 -16.38 -26.47 3.89
CA SER B 189 -17.82 -26.35 3.93
C SER B 189 -18.36 -27.14 5.13
N SER B 190 -17.50 -27.97 5.72
CA SER B 190 -17.86 -28.80 6.85
C SER B 190 -17.98 -27.99 8.11
N THR B 191 -17.01 -27.10 8.33
CA THR B 191 -16.97 -26.27 9.53
C THR B 191 -18.03 -25.17 9.70
N TRP B 192 -18.51 -24.60 8.60
CA TRP B 192 -19.49 -23.54 8.69
C TRP B 192 -20.57 -23.86 7.68
N PRO B 193 -21.85 -23.59 8.02
CA PRO B 193 -22.32 -23.01 9.28
C PRO B 193 -22.49 -24.02 10.40
N SER B 194 -22.20 -25.29 10.12
CA SER B 194 -22.32 -26.38 11.08
C SER B 194 -21.69 -26.03 12.41
N GLN B 195 -20.47 -25.52 12.35
CA GLN B 195 -19.72 -25.11 13.54
C GLN B 195 -19.59 -23.61 13.53
N THR B 196 -19.32 -23.03 14.69
CA THR B 196 -19.18 -21.59 14.81
C THR B 196 -17.92 -21.03 14.23
N VAL B 197 -18.09 -19.89 13.55
CA VAL B 197 -16.98 -19.14 12.99
C VAL B 197 -17.33 -17.71 13.36
N THR B 198 -16.52 -17.10 14.21
CA THR B 198 -16.76 -15.73 14.66
C THR B 198 -15.52 -14.90 14.45
N CYS B 199 -15.67 -13.65 14.05
CA CYS B 199 -14.49 -12.84 13.88
C CYS B 199 -14.41 -11.92 15.05
N ASN B 200 -13.24 -11.89 15.63
CA ASN B 200 -12.97 -11.08 16.79
C ASN B 200 -12.12 -9.96 16.27
N VAL B 201 -12.55 -8.74 16.48
CA VAL B 201 -11.77 -7.62 16.01
C VAL B 201 -11.58 -6.72 17.20
N ALA B 202 -10.34 -6.35 17.44
CA ALA B 202 -10.02 -5.48 18.55
C ALA B 202 -9.48 -4.15 18.03
N HIS B 203 -10.00 -3.06 18.59
CA HIS B 203 -9.58 -1.70 18.22
C HIS B 203 -9.11 -1.02 19.49
N PRO B 204 -7.80 -1.15 19.81
CA PRO B 204 -7.20 -0.56 21.01
C PRO B 204 -7.50 0.92 21.29
N ALA B 205 -7.52 1.76 20.27
CA ALA B 205 -7.80 3.18 20.49
C ALA B 205 -9.13 3.38 21.23
N SER B 206 -10.22 3.02 20.57
CA SER B 206 -11.56 3.16 21.13
C SER B 206 -11.82 2.14 22.23
N SER B 207 -10.85 1.25 22.43
CA SER B 207 -10.96 0.22 23.44
C SER B 207 -12.04 -0.81 23.12
N THR B 208 -12.57 -0.78 21.90
CA THR B 208 -13.61 -1.74 21.52
C THR B 208 -13.04 -3.12 21.21
N LYS B 209 -13.64 -4.15 21.75
CA LYS B 209 -13.22 -5.51 21.46
C LYS B 209 -14.58 -6.04 21.07
N VAL B 210 -14.72 -6.55 19.86
CA VAL B 210 -16.02 -7.03 19.43
C VAL B 210 -15.93 -8.35 18.70
N ASP B 211 -16.84 -9.26 19.05
CA ASP B 211 -16.89 -10.57 18.45
C ASP B 211 -18.14 -10.58 17.60
N LYS B 212 -18.11 -11.30 16.49
CA LYS B 212 -19.26 -11.35 15.61
C LYS B 212 -19.33 -12.71 14.98
N LYS B 213 -20.37 -13.45 15.28
CA LYS B 213 -20.52 -14.78 14.71
C LYS B 213 -21.05 -14.52 13.32
N ILE B 214 -20.54 -15.28 12.35
CA ILE B 214 -21.02 -15.12 10.99
C ILE B 214 -22.17 -16.08 10.90
N VAL B 215 -23.38 -15.55 10.95
CA VAL B 215 -24.57 -16.36 10.86
C VAL B 215 -24.98 -16.29 9.40
N PRO B 216 -25.40 -17.43 8.80
CA PRO B 216 -25.80 -17.40 7.39
C PRO B 216 -26.90 -16.35 7.26
N ARG B 217 -26.91 -15.61 6.16
CA ARG B 217 -27.92 -14.56 6.01
C ARG B 217 -29.28 -15.21 5.78
N ASN B 218 -30.32 -14.44 5.47
CA ASN B 218 -31.57 -15.14 5.21
C ASN B 218 -31.60 -15.77 3.82
N CYS B 219 -30.55 -16.59 3.66
CA CYS B 219 -30.12 -17.41 2.51
C CYS B 219 -28.85 -18.06 3.10
#